data_3V71
#
_entry.id   3V71
#
_cell.length_a   67.806
_cell.length_b   87.836
_cell.length_c   129.782
_cell.angle_alpha   90.00
_cell.angle_beta   90.00
_cell.angle_gamma   90.00
#
_symmetry.space_group_name_H-M   'P 21 21 21'
#
loop_
_entity.id
_entity.type
_entity.pdbx_description
1 polymer 'Puf (Pumilio/fbf) domain-containing protein 7, confirmed by transcript evidence'
2 polymer "RNA (5'-R(*CP*UP*CP*UP*GP*UP*AP*UP*CP*UP*UP*GP*U)-3')"
3 non-polymer '4-(2-HYDROXYETHYL)-1-PIPERAZINE ETHANESULFONIC ACID'
#
loop_
_entity_poly.entity_id
_entity_poly.type
_entity_poly.pdbx_seq_one_letter_code
_entity_poly.pdbx_strand_id
1 'polypeptide(L)'
;GSFTPVAPIFISLEDVLLNGQLIDFAIDPSGVKFLEANYPLDSEDQIRKAVFEKFTESTTLFVGLCHSRNGNFIVQKLVE
LATPAEQRELLRQMIDGGLLAMCKDKFACRVVQLALQKFDHSNVFQLIQELSTFDLAAMCTDQISIHVIQRVVKQLPVDM
WTFFVHFLSSGDSLMAVCQDKYGCRLVQQVIDRLAENPKLPCFKFRIQLLHSLMTCIVRNCYRLSSNEFANYVIQYVIKS
SGIMEMYRDTIIDKCLLRNLLSMSQDKYASHVIEGAFLFAPPALLHEMMEEIFSGYVKDVESNRDALDILLFHQYGNYVV
QQMISICTAALIGKEERELPPAILLLYSGWYEKMKQRVLQHASRLERFSSGKKIIDSVMRHG
;
A
2 'polyribonucleotide' CUCUGUAUCUUGU B
#
# COMPACT_ATOMS: atom_id res chain seq x y z
N ILE A 11 40.27 22.02 -3.37
CA ILE A 11 41.35 21.16 -3.84
C ILE A 11 40.83 20.14 -4.88
N SER A 12 41.74 19.46 -5.58
CA SER A 12 41.39 18.62 -6.72
C SER A 12 40.89 17.21 -6.38
N LEU A 13 39.97 16.71 -7.20
CA LEU A 13 39.58 15.32 -7.10
C LEU A 13 40.79 14.45 -7.40
N GLU A 14 41.52 14.83 -8.44
CA GLU A 14 42.75 14.14 -8.79
C GLU A 14 43.69 14.11 -7.59
N ASP A 15 43.80 15.24 -6.90
CA ASP A 15 44.63 15.32 -5.71
C ASP A 15 44.22 14.30 -4.65
N VAL A 16 42.91 14.20 -4.41
CA VAL A 16 42.35 13.30 -3.41
C VAL A 16 42.66 11.85 -3.74
N LEU A 17 42.40 11.50 -5.00
CA LEU A 17 42.68 10.18 -5.51
C LEU A 17 44.14 9.81 -5.30
N LEU A 18 45.04 10.66 -5.80
CA LEU A 18 46.47 10.41 -5.75
C LEU A 18 47.08 10.34 -4.33
N ASN A 19 46.38 10.88 -3.33
CA ASN A 19 46.89 10.87 -1.96
C ASN A 19 46.34 9.76 -1.09
N GLY A 20 45.61 8.82 -1.69
CA GLY A 20 45.05 7.70 -0.97
C GLY A 20 43.88 8.11 -0.08
N GLN A 21 43.37 9.31 -0.33
CA GLN A 21 42.38 9.92 0.54
C GLN A 21 40.93 9.75 0.03
N LEU A 22 40.73 8.84 -0.91
CA LEU A 22 39.43 8.74 -1.58
C LEU A 22 38.35 8.10 -0.70
N ILE A 23 38.71 7.08 0.05
CA ILE A 23 37.74 6.41 0.88
C ILE A 23 37.46 7.24 2.12
N ASP A 24 38.48 7.96 2.58
CA ASP A 24 38.34 8.84 3.73
C ASP A 24 37.31 9.93 3.45
N PHE A 25 37.39 10.54 2.28
CA PHE A 25 36.44 11.55 1.86
C PHE A 25 35.01 11.04 1.82
N ALA A 26 34.83 9.85 1.22
CA ALA A 26 33.50 9.27 1.03
C ALA A 26 32.80 8.89 2.33
N ILE A 27 33.57 8.80 3.41
CA ILE A 27 32.99 8.60 4.73
C ILE A 27 32.50 9.92 5.33
N ASP A 28 33.37 10.93 5.32
CA ASP A 28 33.03 12.22 5.93
C ASP A 28 31.87 12.93 5.25
N PRO A 29 30.94 13.48 6.06
CA PRO A 29 29.74 14.19 5.62
C PRO A 29 30.09 15.39 4.72
N SER A 30 31.25 15.97 4.95
CA SER A 30 31.76 17.03 4.09
C SER A 30 32.40 16.40 2.86
N GLY A 31 33.37 15.53 3.11
CA GLY A 31 34.06 14.80 2.05
C GLY A 31 33.16 14.35 0.92
N VAL A 32 32.07 13.67 1.24
CA VAL A 32 31.20 13.09 0.24
C VAL A 32 30.59 14.14 -0.68
N LYS A 33 30.20 15.27 -0.09
CA LYS A 33 29.62 16.37 -0.87
C LYS A 33 30.64 16.87 -1.88
N PHE A 34 31.90 16.99 -1.44
CA PHE A 34 33.00 17.29 -2.36
C PHE A 34 32.95 16.30 -3.52
N LEU A 35 33.12 15.03 -3.20
CA LEU A 35 33.17 13.97 -4.20
C LEU A 35 32.05 14.07 -5.24
N GLU A 36 30.81 14.26 -4.77
CA GLU A 36 29.65 14.32 -5.65
C GLU A 36 29.69 15.49 -6.62
N ALA A 37 29.95 16.67 -6.08
CA ALA A 37 30.00 17.90 -6.87
C ALA A 37 30.85 17.76 -8.13
N ASN A 38 32.12 17.42 -7.93
CA ASN A 38 33.07 17.37 -9.04
C ASN A 38 33.41 15.96 -9.50
N TYR A 39 32.43 15.07 -9.43
CA TYR A 39 32.55 13.79 -10.11
C TYR A 39 32.26 14.07 -11.58
N PRO A 40 33.26 13.87 -12.44
CA PRO A 40 33.12 14.16 -13.87
C PRO A 40 31.88 13.52 -14.48
N LEU A 41 31.21 14.30 -15.34
CA LEU A 41 30.01 13.86 -16.03
C LEU A 41 30.41 13.17 -17.32
N ASP A 42 31.59 13.50 -17.82
CA ASP A 42 32.13 12.85 -18.99
C ASP A 42 32.52 11.42 -18.64
N SER A 43 31.72 10.46 -19.10
CA SER A 43 31.99 9.06 -18.83
C SER A 43 33.36 8.67 -19.31
N GLU A 44 34.01 9.58 -20.04
CA GLU A 44 35.27 9.27 -20.69
C GLU A 44 36.47 9.89 -19.99
N ASP A 45 36.20 10.75 -18.99
CA ASP A 45 37.26 11.37 -18.22
C ASP A 45 38.16 10.30 -17.59
N GLN A 46 39.46 10.55 -17.62
CA GLN A 46 40.44 9.62 -17.08
C GLN A 46 40.38 9.54 -15.55
N ILE A 47 40.18 10.69 -14.90
CA ILE A 47 40.02 10.73 -13.45
C ILE A 47 38.82 9.88 -13.01
N ARG A 48 37.71 10.02 -13.73
CA ARG A 48 36.51 9.27 -13.42
C ARG A 48 36.68 7.76 -13.53
N LYS A 49 37.45 7.32 -14.51
CA LYS A 49 37.73 5.90 -14.65
C LYS A 49 38.50 5.42 -13.43
N ALA A 50 39.39 6.28 -12.93
CA ALA A 50 40.27 5.93 -11.82
C ALA A 50 39.49 5.85 -10.52
N VAL A 51 38.60 6.80 -10.31
CA VAL A 51 37.77 6.86 -9.11
C VAL A 51 36.77 5.72 -9.07
N PHE A 52 36.10 5.49 -10.19
CA PHE A 52 35.15 4.41 -10.31
C PHE A 52 35.80 3.07 -9.99
N GLU A 53 37.00 2.86 -10.51
CA GLU A 53 37.69 1.60 -10.29
C GLU A 53 38.19 1.46 -8.87
N LYS A 54 38.59 2.57 -8.27
CA LYS A 54 39.07 2.58 -6.89
C LYS A 54 37.95 2.22 -5.93
N PHE A 55 36.73 2.63 -6.26
CA PHE A 55 35.57 2.35 -5.43
C PHE A 55 35.08 0.92 -5.60
N THR A 56 35.12 0.45 -6.84
CA THR A 56 34.50 -0.80 -7.21
C THR A 56 35.47 -1.99 -7.28
N GLU A 57 36.75 -1.73 -7.06
CA GLU A 57 37.75 -2.79 -7.16
C GLU A 57 37.56 -3.84 -6.05
N SER A 58 37.16 -3.39 -4.86
CA SER A 58 37.02 -4.27 -3.71
C SER A 58 35.57 -4.47 -3.27
N THR A 59 35.16 -5.72 -3.17
CA THR A 59 33.81 -6.04 -2.72
C THR A 59 33.57 -5.53 -1.30
N THR A 60 34.52 -5.80 -0.42
CA THR A 60 34.44 -5.38 0.96
C THR A 60 34.27 -3.86 1.08
N LEU A 61 35.10 -3.13 0.36
CA LEU A 61 35.10 -1.69 0.51
C LEU A 61 33.85 -1.09 -0.09
N PHE A 62 33.41 -1.68 -1.20
CA PHE A 62 32.23 -1.19 -1.91
C PHE A 62 30.98 -1.42 -1.09
N VAL A 63 30.81 -2.64 -0.59
CA VAL A 63 29.69 -2.94 0.28
C VAL A 63 29.64 -1.95 1.43
N GLY A 64 30.77 -1.83 2.14
CA GLY A 64 30.87 -0.91 3.26
C GLY A 64 30.45 0.52 2.92
N LEU A 65 30.75 0.94 1.70
CA LEU A 65 30.31 2.26 1.23
C LEU A 65 28.79 2.37 1.10
N CYS A 66 28.14 1.30 0.65
CA CYS A 66 26.68 1.25 0.58
C CYS A 66 26.06 1.37 1.96
N HIS A 67 26.63 0.65 2.93
CA HIS A 67 26.16 0.69 4.30
C HIS A 67 26.47 2.01 5.01
N SER A 68 27.29 2.85 4.38
CA SER A 68 27.70 4.08 5.05
C SER A 68 26.57 5.11 5.08
N ARG A 69 26.46 5.81 6.21
CA ARG A 69 25.52 6.91 6.34
C ARG A 69 25.78 7.95 5.25
N ASN A 70 27.07 8.17 4.97
CA ASN A 70 27.47 9.18 3.99
C ASN A 70 27.93 8.53 2.70
N GLY A 71 28.64 7.41 2.84
CA GLY A 71 29.19 6.71 1.70
C GLY A 71 28.20 6.42 0.59
N ASN A 72 26.96 6.08 0.96
CA ASN A 72 25.98 5.66 -0.03
C ASN A 72 25.69 6.73 -1.09
N PHE A 73 25.80 7.98 -0.69
CA PHE A 73 25.50 9.09 -1.61
C PHE A 73 26.43 9.11 -2.82
N ILE A 74 27.70 8.75 -2.62
CA ILE A 74 28.64 8.74 -3.72
C ILE A 74 28.43 7.50 -4.58
N VAL A 75 28.05 6.39 -3.95
CA VAL A 75 27.74 5.20 -4.72
C VAL A 75 26.54 5.47 -5.61
N GLN A 76 25.66 6.36 -5.12
CA GLN A 76 24.49 6.76 -5.87
C GLN A 76 24.87 7.61 -7.06
N LYS A 77 25.74 8.57 -6.81
CA LYS A 77 26.27 9.40 -7.88
C LYS A 77 26.88 8.51 -8.95
N LEU A 78 27.60 7.47 -8.53
CA LEU A 78 28.22 6.55 -9.46
C LEU A 78 27.18 5.85 -10.33
N VAL A 79 25.99 5.68 -9.77
CA VAL A 79 24.94 4.89 -10.38
C VAL A 79 24.15 5.66 -11.43
N GLU A 80 23.69 6.85 -11.08
CA GLU A 80 22.91 7.65 -12.01
C GLU A 80 23.69 7.99 -13.28
N LEU A 81 25.01 8.12 -13.15
CA LEU A 81 25.87 8.46 -14.28
C LEU A 81 26.50 7.24 -14.95
N ALA A 82 26.20 6.05 -14.44
CA ALA A 82 26.86 4.84 -14.90
C ALA A 82 26.59 4.50 -16.37
N THR A 83 27.66 4.32 -17.13
CA THR A 83 27.54 3.83 -18.50
C THR A 83 27.17 2.36 -18.40
N PRO A 84 26.74 1.76 -19.53
CA PRO A 84 26.48 0.32 -19.54
C PRO A 84 27.62 -0.46 -18.91
N ALA A 85 28.85 -0.20 -19.36
CA ALA A 85 30.02 -0.88 -18.83
C ALA A 85 30.15 -0.69 -17.33
N GLU A 86 29.92 0.53 -16.86
CA GLU A 86 29.96 0.83 -15.43
C GLU A 86 28.89 0.05 -14.68
N GLN A 87 27.68 0.01 -15.23
CA GLN A 87 26.57 -0.68 -14.59
C GLN A 87 26.87 -2.16 -14.36
N ARG A 88 27.65 -2.75 -15.25
CA ARG A 88 27.95 -4.18 -15.13
C ARG A 88 28.93 -4.42 -14.00
N GLU A 89 29.80 -3.46 -13.75
CA GLU A 89 30.72 -3.56 -12.63
C GLU A 89 29.97 -3.39 -11.32
N LEU A 90 29.12 -2.37 -11.27
CA LEU A 90 28.29 -2.14 -10.09
C LEU A 90 27.42 -3.37 -9.83
N LEU A 91 26.87 -3.92 -10.91
CA LEU A 91 26.01 -5.08 -10.83
C LEU A 91 26.73 -6.24 -10.18
N ARG A 92 27.91 -6.55 -10.70
CA ARG A 92 28.68 -7.68 -10.22
C ARG A 92 28.96 -7.54 -8.74
N GLN A 93 29.37 -6.32 -8.35
CA GLN A 93 29.78 -6.04 -6.99
C GLN A 93 28.62 -6.10 -6.01
N MET A 94 27.45 -5.68 -6.46
CA MET A 94 26.25 -5.82 -5.65
C MET A 94 26.00 -7.28 -5.34
N ILE A 95 25.96 -8.09 -6.40
CA ILE A 95 25.72 -9.52 -6.26
C ILE A 95 26.80 -10.23 -5.45
N ASP A 96 28.06 -10.00 -5.82
CA ASP A 96 29.19 -10.64 -5.13
C ASP A 96 29.32 -10.22 -3.67
N GLY A 97 28.65 -9.11 -3.31
CA GLY A 97 28.68 -8.63 -1.95
C GLY A 97 27.34 -8.78 -1.25
N GLY A 98 26.60 -9.85 -1.56
CA GLY A 98 25.32 -10.09 -0.93
C GLY A 98 24.26 -9.06 -1.24
N LEU A 99 23.50 -9.31 -2.31
CA LEU A 99 22.45 -8.38 -2.73
C LEU A 99 21.33 -8.28 -1.71
N LEU A 100 20.96 -9.42 -1.13
CA LEU A 100 19.92 -9.47 -0.12
C LEU A 100 20.25 -8.61 1.09
N ALA A 101 21.44 -8.79 1.66
CA ALA A 101 21.88 -7.99 2.80
C ALA A 101 21.94 -6.50 2.49
N MET A 102 22.00 -6.13 1.21
CA MET A 102 21.93 -4.75 0.82
C MET A 102 20.52 -4.24 0.99
N CYS A 103 19.56 -5.09 0.65
CA CYS A 103 18.16 -4.73 0.72
C CYS A 103 17.69 -4.55 2.14
N LYS A 104 18.25 -5.35 3.05
CA LYS A 104 17.91 -5.27 4.47
C LYS A 104 18.52 -4.04 5.19
N ASP A 105 19.45 -3.37 4.52
CA ASP A 105 20.15 -2.23 5.11
C ASP A 105 19.45 -0.93 4.78
N LYS A 106 19.31 -0.04 5.77
CA LYS A 106 18.72 1.28 5.55
C LYS A 106 19.36 2.08 4.41
N PHE A 107 20.68 2.10 4.35
CA PHE A 107 21.38 2.93 3.35
C PHE A 107 21.75 2.20 2.08
N ALA A 108 22.15 0.93 2.19
CA ALA A 108 22.49 0.15 1.01
C ALA A 108 21.25 -0.03 0.12
N CYS A 109 20.09 0.06 0.76
CA CYS A 109 18.77 -0.05 0.11
C CYS A 109 18.58 0.99 -1.02
N ARG A 110 18.89 2.25 -0.70
CA ARG A 110 18.72 3.35 -1.63
C ARG A 110 19.54 3.17 -2.88
N VAL A 111 20.67 2.48 -2.75
CA VAL A 111 21.51 2.20 -3.89
C VAL A 111 20.84 1.15 -4.78
N VAL A 112 20.33 0.11 -4.15
CA VAL A 112 19.61 -0.94 -4.85
C VAL A 112 18.47 -0.32 -5.64
N GLN A 113 17.75 0.58 -4.99
CA GLN A 113 16.58 1.23 -5.56
C GLN A 113 16.95 2.07 -6.76
N LEU A 114 17.94 2.94 -6.57
CA LEU A 114 18.41 3.82 -7.63
C LEU A 114 18.85 2.98 -8.82
N ALA A 115 19.57 1.91 -8.55
CA ALA A 115 19.95 0.98 -9.60
C ALA A 115 18.75 0.67 -10.47
N LEU A 116 17.73 0.08 -9.83
CA LEU A 116 16.49 -0.34 -10.48
C LEU A 116 15.95 0.70 -11.46
N GLN A 117 15.90 1.96 -11.01
CA GLN A 117 15.51 3.06 -11.89
C GLN A 117 16.47 3.20 -13.06
N LYS A 118 17.73 3.47 -12.73
CA LYS A 118 18.71 3.99 -13.69
C LYS A 118 19.42 2.97 -14.58
N PHE A 119 19.55 1.72 -14.14
CA PHE A 119 20.19 0.71 -14.99
C PHE A 119 19.47 0.53 -16.33
N ASP A 120 19.97 -0.42 -17.12
CA ASP A 120 19.40 -0.68 -18.43
C ASP A 120 18.68 -2.00 -18.38
N HIS A 121 17.82 -2.26 -19.37
CA HIS A 121 16.97 -3.43 -19.32
C HIS A 121 17.76 -4.67 -19.00
N SER A 122 18.87 -4.85 -19.71
CA SER A 122 19.72 -6.03 -19.54
C SER A 122 20.17 -6.18 -18.08
N ASN A 123 20.66 -5.09 -17.51
CA ASN A 123 21.18 -5.09 -16.15
C ASN A 123 20.11 -5.24 -15.08
N VAL A 124 19.10 -4.36 -15.15
CA VAL A 124 17.92 -4.47 -14.30
C VAL A 124 17.44 -5.91 -14.26
N PHE A 125 17.41 -6.53 -15.42
CA PHE A 125 17.01 -7.92 -15.55
C PHE A 125 17.76 -8.83 -14.57
N GLN A 126 19.08 -8.93 -14.72
CA GLN A 126 19.88 -9.78 -13.83
C GLN A 126 19.69 -9.40 -12.37
N LEU A 127 19.45 -8.11 -12.15
CA LEU A 127 19.13 -7.63 -10.84
C LEU A 127 17.85 -8.32 -10.33
N ILE A 128 16.77 -8.15 -11.07
CA ILE A 128 15.49 -8.75 -10.73
C ILE A 128 15.54 -10.27 -10.77
N GLN A 129 16.32 -10.80 -11.71
CA GLN A 129 16.60 -12.23 -11.71
C GLN A 129 17.11 -12.61 -10.33
N GLU A 130 17.94 -11.76 -9.77
CA GLU A 130 18.59 -12.04 -8.49
C GLU A 130 17.61 -12.01 -7.32
N LEU A 131 16.79 -10.97 -7.24
CA LEU A 131 15.78 -10.87 -6.20
C LEU A 131 14.87 -12.08 -6.18
N SER A 132 14.37 -12.46 -7.35
CA SER A 132 13.46 -13.59 -7.47
C SER A 132 13.88 -14.80 -6.65
N THR A 133 15.19 -14.98 -6.50
CA THR A 133 15.72 -16.16 -5.84
C THR A 133 15.72 -16.02 -4.33
N PHE A 134 15.29 -14.87 -3.82
CA PHE A 134 15.27 -14.65 -2.39
C PHE A 134 14.03 -15.24 -1.76
N ASP A 135 13.96 -15.15 -0.44
CA ASP A 135 12.75 -15.52 0.29
C ASP A 135 11.78 -14.34 0.25
N LEU A 136 10.95 -14.31 -0.80
CA LEU A 136 10.07 -13.18 -1.04
C LEU A 136 9.20 -12.88 0.17
N ALA A 137 8.78 -13.93 0.86
CA ALA A 137 8.01 -13.81 2.09
C ALA A 137 8.68 -12.86 3.09
N ALA A 138 9.80 -13.32 3.65
CA ALA A 138 10.58 -12.53 4.59
C ALA A 138 10.90 -11.13 4.07
N MET A 139 11.13 -11.03 2.76
CA MET A 139 11.48 -9.75 2.18
C MET A 139 10.33 -8.75 2.31
N CYS A 140 9.11 -9.25 2.15
CA CYS A 140 7.94 -8.38 2.17
C CYS A 140 7.56 -7.94 3.58
N THR A 141 7.91 -8.73 4.58
CA THR A 141 7.68 -8.32 5.96
C THR A 141 8.69 -7.27 6.44
N ASP A 142 9.96 -7.45 6.08
CA ASP A 142 11.00 -6.54 6.53
C ASP A 142 10.64 -5.10 6.17
N GLN A 143 10.74 -4.21 7.15
CA GLN A 143 10.36 -2.81 6.96
C GLN A 143 11.23 -2.13 5.93
N ILE A 144 12.51 -2.51 5.89
CA ILE A 144 13.49 -1.93 4.98
C ILE A 144 13.44 -2.61 3.62
N SER A 145 13.62 -3.93 3.63
CA SER A 145 13.69 -4.74 2.42
C SER A 145 12.55 -4.46 1.47
N ILE A 146 11.37 -4.27 2.04
CA ILE A 146 10.16 -4.08 1.25
C ILE A 146 10.28 -2.92 0.25
N HIS A 147 10.98 -1.86 0.65
CA HIS A 147 11.12 -0.68 -0.18
C HIS A 147 11.65 -1.02 -1.56
N VAL A 148 12.42 -2.10 -1.63
CA VAL A 148 13.03 -2.51 -2.88
C VAL A 148 11.95 -3.04 -3.81
N ILE A 149 11.12 -3.94 -3.28
CA ILE A 149 9.99 -4.49 -4.02
C ILE A 149 8.98 -3.39 -4.35
N GLN A 150 8.66 -2.55 -3.37
CA GLN A 150 7.90 -1.34 -3.64
C GLN A 150 8.39 -0.68 -4.93
N ARG A 151 9.69 -0.43 -5.01
CA ARG A 151 10.31 0.23 -6.16
C ARG A 151 10.15 -0.55 -7.46
N VAL A 152 10.41 -1.85 -7.41
CA VAL A 152 10.27 -2.71 -8.58
C VAL A 152 8.86 -2.60 -9.16
N VAL A 153 7.87 -2.89 -8.31
CA VAL A 153 6.47 -2.77 -8.65
C VAL A 153 6.13 -1.36 -9.12
N LYS A 154 6.40 -0.39 -8.27
CA LYS A 154 5.88 0.97 -8.46
C LYS A 154 6.50 1.75 -9.63
N GLN A 155 7.33 1.09 -10.44
CA GLN A 155 7.89 1.79 -11.60
C GLN A 155 8.66 0.95 -12.61
N LEU A 156 8.44 -0.35 -12.60
CA LEU A 156 8.93 -1.22 -13.66
C LEU A 156 7.79 -1.94 -14.36
N PRO A 157 7.95 -2.23 -15.66
CA PRO A 157 6.96 -2.98 -16.44
C PRO A 157 6.60 -4.33 -15.81
N VAL A 158 5.31 -4.64 -15.81
CA VAL A 158 4.79 -5.77 -15.06
C VAL A 158 5.25 -7.16 -15.52
N ASP A 159 5.94 -7.23 -16.66
CA ASP A 159 6.49 -8.52 -17.10
C ASP A 159 7.79 -8.79 -16.36
N MET A 160 8.42 -7.71 -15.90
CA MET A 160 9.60 -7.80 -15.06
C MET A 160 9.28 -8.53 -13.77
N TRP A 161 8.14 -8.21 -13.17
CA TRP A 161 7.80 -8.74 -11.87
C TRP A 161 6.56 -9.61 -11.79
N THR A 162 6.25 -10.27 -12.89
CA THR A 162 5.16 -11.23 -12.90
C THR A 162 5.49 -12.35 -11.92
N PHE A 163 6.78 -12.67 -11.80
CA PHE A 163 7.23 -13.73 -10.89
C PHE A 163 6.73 -13.45 -9.48
N PHE A 164 6.56 -12.18 -9.16
CA PHE A 164 6.13 -11.76 -7.84
C PHE A 164 4.63 -11.95 -7.63
N VAL A 165 3.86 -11.62 -8.67
CA VAL A 165 2.43 -11.89 -8.67
C VAL A 165 2.16 -13.38 -8.49
N HIS A 166 2.90 -14.22 -9.21
CA HIS A 166 2.74 -15.65 -9.05
C HIS A 166 3.08 -16.07 -7.62
N PHE A 167 3.96 -15.30 -6.98
CA PHE A 167 4.33 -15.55 -5.60
C PHE A 167 3.13 -15.31 -4.67
N LEU A 168 2.46 -14.18 -4.86
CA LEU A 168 1.30 -13.84 -4.03
C LEU A 168 0.10 -14.77 -4.27
N SER A 169 -0.21 -15.02 -5.54
CA SER A 169 -1.31 -15.90 -5.90
C SER A 169 -1.09 -17.30 -5.33
N SER A 170 0.14 -17.79 -5.42
CA SER A 170 0.53 -19.08 -4.85
C SER A 170 0.16 -19.16 -3.38
N GLY A 171 -0.33 -20.33 -2.97
CA GLY A 171 -0.64 -20.61 -1.57
C GLY A 171 -1.39 -19.49 -0.86
N ASP A 172 -0.89 -19.10 0.30
CA ASP A 172 -1.45 -17.97 1.04
C ASP A 172 -0.36 -16.96 1.38
N SER A 173 0.63 -16.87 0.50
CA SER A 173 1.66 -15.86 0.63
C SER A 173 0.96 -14.54 0.82
N LEU A 174 -0.10 -14.35 0.05
CA LEU A 174 -0.88 -13.12 0.09
C LEU A 174 -1.40 -12.81 1.49
N MET A 175 -2.06 -13.77 2.13
CA MET A 175 -2.53 -13.59 3.50
C MET A 175 -1.43 -13.05 4.40
N ALA A 176 -0.31 -13.77 4.42
CA ALA A 176 0.86 -13.36 5.16
C ALA A 176 1.22 -11.91 4.89
N VAL A 177 1.31 -11.55 3.61
CA VAL A 177 1.76 -10.21 3.25
C VAL A 177 0.80 -9.09 3.65
N CYS A 178 -0.47 -9.18 3.24
CA CYS A 178 -1.41 -8.10 3.54
C CYS A 178 -1.76 -7.99 5.01
N GLN A 179 -1.61 -9.10 5.75
CA GLN A 179 -1.81 -9.04 7.18
C GLN A 179 -0.62 -8.43 7.95
N ASP A 180 0.53 -8.33 7.30
CA ASP A 180 1.74 -7.79 7.93
C ASP A 180 1.76 -6.26 7.94
N LYS A 181 2.30 -5.69 9.01
CA LYS A 181 2.36 -4.25 9.21
C LYS A 181 2.86 -3.49 7.99
N TYR A 182 3.87 -4.04 7.32
CA TYR A 182 4.56 -3.33 6.24
C TYR A 182 4.17 -3.83 4.86
N GLY A 183 3.88 -5.13 4.75
CA GLY A 183 3.53 -5.74 3.49
C GLY A 183 2.17 -5.30 2.99
N CYS A 184 1.40 -4.65 3.86
CA CYS A 184 0.09 -4.15 3.50
C CYS A 184 0.16 -3.10 2.38
N ARG A 185 0.93 -2.03 2.62
CA ARG A 185 1.07 -0.97 1.62
C ARG A 185 1.56 -1.49 0.27
N LEU A 186 2.35 -2.55 0.28
CA LEU A 186 2.81 -3.16 -0.95
C LEU A 186 1.64 -3.69 -1.77
N VAL A 187 0.76 -4.45 -1.11
CA VAL A 187 -0.41 -5.04 -1.75
C VAL A 187 -1.28 -3.96 -2.38
N GLN A 188 -1.50 -2.87 -1.65
CA GLN A 188 -2.22 -1.73 -2.19
C GLN A 188 -1.58 -1.23 -3.47
N GLN A 189 -0.26 -1.04 -3.43
CA GLN A 189 0.49 -0.50 -4.55
C GLN A 189 0.49 -1.43 -5.75
N VAL A 190 0.63 -2.73 -5.50
CA VAL A 190 0.58 -3.71 -6.59
C VAL A 190 -0.73 -3.62 -7.34
N ILE A 191 -1.82 -3.55 -6.57
CA ILE A 191 -3.15 -3.40 -7.11
C ILE A 191 -3.26 -2.11 -7.90
N ASP A 192 -2.96 -1.00 -7.24
CA ASP A 192 -2.97 0.29 -7.91
C ASP A 192 -2.31 0.19 -9.29
N ARG A 193 -1.25 -0.61 -9.36
CA ARG A 193 -0.39 -0.72 -10.52
C ARG A 193 -1.01 -1.57 -11.62
N LEU A 194 -1.64 -2.67 -11.23
CA LEU A 194 -2.26 -3.59 -12.18
C LEU A 194 -3.55 -3.05 -12.79
N ALA A 195 -4.24 -2.19 -12.05
CA ALA A 195 -5.55 -1.70 -12.44
C ALA A 195 -5.48 -0.28 -13.00
N GLU A 196 -4.27 0.19 -13.30
CA GLU A 196 -4.08 1.58 -13.71
C GLU A 196 -4.17 1.69 -15.21
N ASN A 197 -4.17 2.94 -15.70
CA ASN A 197 -4.11 3.20 -17.13
C ASN A 197 -4.96 2.23 -17.95
N PRO A 198 -6.29 2.44 -17.93
CA PRO A 198 -7.15 1.64 -18.80
C PRO A 198 -6.73 1.84 -20.26
N LYS A 199 -6.21 3.03 -20.53
CA LYS A 199 -5.81 3.45 -21.86
C LYS A 199 -4.42 2.94 -22.25
N LEU A 200 -4.20 1.64 -22.08
CA LEU A 200 -2.94 0.99 -22.47
C LEU A 200 -3.25 -0.36 -23.07
N PRO A 201 -2.41 -0.81 -24.03
CA PRO A 201 -2.62 -2.13 -24.67
C PRO A 201 -2.27 -3.28 -23.73
N CYS A 202 -1.36 -3.02 -22.80
CA CYS A 202 -0.91 -4.01 -21.83
C CYS A 202 -2.01 -4.34 -20.83
N PHE A 203 -2.99 -3.46 -20.75
CA PHE A 203 -4.11 -3.58 -19.82
C PHE A 203 -4.63 -5.01 -19.70
N LYS A 204 -4.90 -5.63 -20.84
CA LYS A 204 -5.48 -6.97 -20.87
C LYS A 204 -4.71 -7.99 -20.04
N PHE A 205 -3.38 -7.83 -19.96
CA PHE A 205 -2.56 -8.80 -19.27
C PHE A 205 -2.55 -8.52 -17.77
N ARG A 206 -2.40 -7.26 -17.43
CA ARG A 206 -2.41 -6.83 -16.04
C ARG A 206 -3.72 -7.26 -15.32
N ILE A 207 -4.83 -7.16 -16.04
CA ILE A 207 -6.15 -7.48 -15.49
C ILE A 207 -6.27 -8.95 -15.12
N GLN A 208 -5.59 -9.81 -15.86
CA GLN A 208 -5.64 -11.23 -15.54
C GLN A 208 -4.82 -11.51 -14.30
N LEU A 209 -3.83 -10.64 -14.06
CA LEU A 209 -2.94 -10.81 -12.92
C LEU A 209 -3.62 -10.29 -11.68
N LEU A 210 -4.34 -9.19 -11.85
CA LEU A 210 -5.15 -8.61 -10.77
C LEU A 210 -6.20 -9.59 -10.29
N HIS A 211 -6.82 -10.29 -11.25
CA HIS A 211 -7.93 -11.17 -10.94
C HIS A 211 -7.53 -12.35 -10.06
N SER A 212 -6.39 -12.96 -10.37
CA SER A 212 -5.91 -14.09 -9.59
C SER A 212 -5.54 -13.62 -8.20
N LEU A 213 -5.08 -12.38 -8.12
CA LEU A 213 -4.76 -11.77 -6.85
C LEU A 213 -6.04 -11.45 -6.10
N MET A 214 -6.92 -10.72 -6.77
CA MET A 214 -8.20 -10.30 -6.21
C MET A 214 -9.05 -11.45 -5.71
N THR A 215 -8.83 -12.63 -6.28
CA THR A 215 -9.55 -13.82 -5.87
C THR A 215 -9.19 -14.24 -4.44
N CYS A 216 -7.90 -14.30 -4.14
CA CYS A 216 -7.44 -14.60 -2.79
C CYS A 216 -8.05 -13.62 -1.81
N ILE A 217 -8.05 -12.35 -2.21
CA ILE A 217 -8.54 -11.26 -1.37
C ILE A 217 -10.02 -11.41 -1.03
N VAL A 218 -10.82 -11.68 -2.05
CA VAL A 218 -12.25 -11.87 -1.89
C VAL A 218 -12.56 -13.08 -1.02
N ARG A 219 -11.82 -14.16 -1.25
CA ARG A 219 -12.06 -15.42 -0.57
C ARG A 219 -11.59 -15.41 0.87
N ASN A 220 -11.09 -14.27 1.32
CA ASN A 220 -10.65 -14.13 2.71
C ASN A 220 -11.13 -12.81 3.29
N CYS A 221 -12.00 -12.14 2.56
CA CYS A 221 -12.46 -10.82 2.94
C CYS A 221 -12.72 -10.65 4.43
N TYR A 222 -13.44 -11.59 5.03
CA TYR A 222 -13.89 -11.47 6.41
C TYR A 222 -12.73 -11.43 7.42
N ARG A 223 -11.80 -12.38 7.27
CA ARG A 223 -10.60 -12.41 8.10
C ARG A 223 -9.75 -11.17 7.84
N LEU A 224 -9.67 -10.78 6.56
CA LEU A 224 -8.88 -9.61 6.19
C LEU A 224 -9.46 -8.32 6.75
N SER A 225 -10.78 -8.17 6.65
CA SER A 225 -11.45 -6.95 7.08
C SER A 225 -11.36 -6.78 8.59
N SER A 226 -11.19 -7.90 9.28
CA SER A 226 -11.15 -7.91 10.73
C SER A 226 -9.73 -7.80 11.28
N ASN A 227 -8.75 -7.79 10.36
CA ASN A 227 -7.35 -7.80 10.71
C ASN A 227 -6.76 -6.40 10.87
N GLU A 228 -5.88 -6.27 11.87
CA GLU A 228 -5.28 -5.01 12.29
C GLU A 228 -4.68 -4.15 11.17
N PHE A 229 -4.20 -4.81 10.12
CA PHE A 229 -3.62 -4.09 8.99
C PHE A 229 -4.40 -4.37 7.70
N ALA A 230 -4.65 -5.64 7.39
CA ALA A 230 -5.27 -6.01 6.12
C ALA A 230 -6.54 -5.23 5.81
N ASN A 231 -7.23 -4.76 6.86
CA ASN A 231 -8.44 -4.00 6.65
C ASN A 231 -8.19 -2.78 5.79
N TYR A 232 -6.95 -2.32 5.76
CA TYR A 232 -6.62 -1.13 5.00
C TYR A 232 -6.59 -1.43 3.50
N VAL A 233 -6.35 -2.69 3.16
CA VAL A 233 -6.39 -3.14 1.76
C VAL A 233 -7.82 -3.21 1.25
N ILE A 234 -8.69 -3.83 2.05
CA ILE A 234 -10.10 -3.87 1.77
C ILE A 234 -10.63 -2.45 1.49
N GLN A 235 -10.42 -1.55 2.44
CA GLN A 235 -10.81 -0.16 2.27
C GLN A 235 -10.22 0.45 0.99
N TYR A 236 -9.01 0.05 0.63
CA TYR A 236 -8.45 0.51 -0.62
C TYR A 236 -9.37 0.11 -1.78
N VAL A 237 -9.61 -1.19 -1.90
CA VAL A 237 -10.48 -1.71 -2.96
C VAL A 237 -11.83 -1.00 -3.05
N ILE A 238 -12.40 -0.67 -1.90
CA ILE A 238 -13.74 -0.08 -1.86
C ILE A 238 -13.75 1.40 -2.25
N LYS A 239 -12.62 2.07 -2.04
CA LYS A 239 -12.53 3.49 -2.35
C LYS A 239 -12.10 3.73 -3.80
N SER A 240 -11.96 2.64 -4.56
CA SER A 240 -11.36 2.71 -5.89
C SER A 240 -12.31 2.98 -7.06
N SER A 241 -11.75 3.46 -8.17
CA SER A 241 -12.51 4.06 -9.26
C SER A 241 -12.67 3.19 -10.50
N GLY A 242 -11.60 2.52 -10.90
CA GLY A 242 -11.60 1.86 -12.18
C GLY A 242 -12.34 0.54 -12.16
N ILE A 243 -11.70 -0.47 -12.71
CA ILE A 243 -12.26 -1.81 -12.69
C ILE A 243 -12.26 -2.30 -11.25
N MET A 244 -11.73 -1.49 -10.34
CA MET A 244 -11.75 -1.86 -8.94
C MET A 244 -13.18 -1.88 -8.41
N GLU A 245 -14.04 -1.07 -9.03
CA GLU A 245 -15.43 -0.98 -8.61
C GLU A 245 -16.14 -2.32 -8.75
N MET A 246 -15.78 -3.08 -9.77
CA MET A 246 -16.30 -4.42 -9.96
C MET A 246 -15.99 -5.31 -8.74
N TYR A 247 -14.80 -5.15 -8.17
CA TYR A 247 -14.43 -5.94 -6.99
C TYR A 247 -15.05 -5.39 -5.71
N ARG A 248 -15.20 -4.07 -5.66
CA ARG A 248 -15.90 -3.39 -4.58
C ARG A 248 -17.26 -4.06 -4.39
N ASP A 249 -17.99 -4.17 -5.49
CA ASP A 249 -19.33 -4.74 -5.52
C ASP A 249 -19.38 -6.19 -5.08
N THR A 250 -18.41 -6.98 -5.53
CA THR A 250 -18.36 -8.38 -5.16
C THR A 250 -18.06 -8.54 -3.69
N ILE A 251 -17.12 -7.73 -3.20
CA ILE A 251 -16.75 -7.77 -1.80
C ILE A 251 -17.93 -7.36 -0.93
N ILE A 252 -18.59 -6.27 -1.29
CA ILE A 252 -19.80 -5.86 -0.58
C ILE A 252 -20.88 -6.94 -0.66
N ASP A 253 -21.09 -7.45 -1.88
CA ASP A 253 -22.17 -8.39 -2.13
C ASP A 253 -21.96 -9.76 -1.49
N LYS A 254 -20.72 -10.24 -1.48
CA LYS A 254 -20.44 -11.58 -0.98
C LYS A 254 -20.12 -11.61 0.51
N CYS A 255 -19.31 -10.67 0.97
CA CYS A 255 -18.76 -10.72 2.31
CA CYS A 255 -18.78 -10.73 2.33
C CYS A 255 -19.42 -9.74 3.29
N LEU A 256 -19.66 -8.51 2.84
CA LEU A 256 -20.16 -7.51 3.76
C LEU A 256 -21.65 -7.68 4.05
N LEU A 257 -22.45 -7.78 3.00
CA LEU A 257 -23.87 -8.00 3.19
C LEU A 257 -24.04 -9.31 3.92
N ARG A 258 -25.08 -9.38 4.75
CA ARG A 258 -25.37 -10.56 5.55
C ARG A 258 -24.39 -10.64 6.71
N ASN A 259 -23.33 -9.84 6.65
CA ASN A 259 -22.33 -9.78 7.70
C ASN A 259 -22.27 -8.44 8.44
N LEU A 260 -23.11 -7.50 8.04
CA LEU A 260 -23.04 -6.13 8.57
C LEU A 260 -23.01 -6.03 10.08
N LEU A 261 -23.96 -6.67 10.75
CA LEU A 261 -24.08 -6.58 12.20
C LEU A 261 -22.82 -6.97 12.96
N SER A 262 -22.26 -8.14 12.67
CA SER A 262 -21.10 -8.59 13.42
C SER A 262 -19.87 -7.75 13.07
N MET A 263 -19.73 -7.42 11.79
CA MET A 263 -18.58 -6.66 11.31
C MET A 263 -18.57 -5.24 11.85
N SER A 264 -19.75 -4.66 12.00
CA SER A 264 -19.90 -3.30 12.53
C SER A 264 -19.45 -3.20 13.99
N GLN A 265 -19.26 -4.34 14.63
CA GLN A 265 -18.86 -4.36 16.02
C GLN A 265 -17.38 -4.68 16.19
N ASP A 266 -16.72 -4.99 15.09
CA ASP A 266 -15.30 -5.29 15.13
C ASP A 266 -14.56 -3.97 15.13
N LYS A 267 -13.47 -3.91 15.89
CA LYS A 267 -12.66 -2.71 15.95
C LYS A 267 -12.22 -2.28 14.55
N TYR A 268 -11.80 -3.25 13.75
CA TYR A 268 -11.21 -2.95 12.44
C TYR A 268 -12.19 -3.04 11.27
N ALA A 269 -13.10 -4.01 11.32
CA ALA A 269 -14.02 -4.23 10.22
C ALA A 269 -15.11 -3.16 10.17
N SER A 270 -15.28 -2.42 11.27
CA SER A 270 -16.25 -1.35 11.31
C SER A 270 -15.80 -0.18 10.44
N HIS A 271 -14.50 -0.12 10.20
CA HIS A 271 -13.94 0.90 9.33
C HIS A 271 -14.25 0.58 7.88
N VAL A 272 -14.18 -0.71 7.56
CA VAL A 272 -14.59 -1.22 6.27
C VAL A 272 -16.08 -0.93 6.02
N ILE A 273 -16.93 -1.38 6.94
CA ILE A 273 -18.36 -1.10 6.85
C ILE A 273 -18.61 0.38 6.55
N GLU A 274 -18.00 1.27 7.31
CA GLU A 274 -18.16 2.69 7.06
C GLU A 274 -17.92 3.08 5.60
N GLY A 275 -16.78 2.65 5.04
CA GLY A 275 -16.46 2.95 3.66
C GLY A 275 -17.35 2.25 2.63
N ALA A 276 -17.77 1.03 2.94
CA ALA A 276 -18.73 0.35 2.09
C ALA A 276 -20.00 1.18 1.95
N PHE A 277 -20.43 1.81 3.05
CA PHE A 277 -21.62 2.64 3.01
C PHE A 277 -21.38 3.89 2.17
N LEU A 278 -20.18 4.45 2.29
CA LEU A 278 -19.80 5.63 1.52
C LEU A 278 -19.68 5.39 0.02
N PHE A 279 -19.25 4.19 -0.37
CA PHE A 279 -18.94 3.97 -1.79
C PHE A 279 -19.83 2.98 -2.51
N ALA A 280 -20.71 2.32 -1.77
CA ALA A 280 -21.64 1.38 -2.36
C ALA A 280 -22.53 2.12 -3.36
N PRO A 281 -22.71 1.54 -4.55
CA PRO A 281 -23.71 2.00 -5.52
C PRO A 281 -25.13 1.91 -4.92
N PRO A 282 -26.09 2.66 -5.47
CA PRO A 282 -27.42 2.86 -4.86
C PRO A 282 -28.20 1.57 -4.54
N ALA A 283 -28.09 0.55 -5.39
CA ALA A 283 -28.81 -0.70 -5.17
C ALA A 283 -28.17 -1.57 -4.10
N LEU A 284 -26.85 -1.46 -3.96
CA LEU A 284 -26.13 -2.13 -2.88
C LEU A 284 -26.32 -1.34 -1.58
N LEU A 285 -26.35 -0.02 -1.69
CA LEU A 285 -26.62 0.82 -0.55
C LEU A 285 -28.01 0.55 0.01
N HIS A 286 -28.98 0.40 -0.90
CA HIS A 286 -30.37 0.17 -0.52
C HIS A 286 -30.53 -1.15 0.26
N GLU A 287 -29.75 -2.16 -0.10
CA GLU A 287 -29.80 -3.45 0.57
C GLU A 287 -29.01 -3.46 1.87
N MET A 288 -28.06 -2.55 2.01
CA MET A 288 -27.35 -2.43 3.26
C MET A 288 -28.29 -1.80 4.26
N MET A 289 -28.91 -0.70 3.86
CA MET A 289 -29.87 -0.02 4.72
C MET A 289 -30.95 -1.01 5.14
N GLU A 290 -31.62 -1.57 4.13
CA GLU A 290 -32.67 -2.57 4.32
C GLU A 290 -32.25 -3.62 5.35
N GLU A 291 -31.05 -4.18 5.18
CA GLU A 291 -30.55 -5.18 6.10
C GLU A 291 -30.37 -4.63 7.52
N ILE A 292 -29.72 -3.47 7.64
CA ILE A 292 -29.48 -2.85 8.94
C ILE A 292 -30.77 -2.63 9.73
N PHE A 293 -31.84 -2.28 9.01
CA PHE A 293 -33.14 -2.05 9.63
C PHE A 293 -33.95 -3.33 9.81
N SER A 294 -33.41 -4.27 10.59
CA SER A 294 -34.07 -5.55 10.90
C SER A 294 -34.17 -6.47 9.67
N VAL A 297 -34.61 -9.29 12.97
CA VAL A 297 -34.10 -10.31 13.90
C VAL A 297 -33.65 -9.70 15.22
N LYS A 298 -34.42 -9.96 16.27
CA LYS A 298 -34.11 -9.47 17.60
C LYS A 298 -33.29 -10.50 18.39
N ASP A 299 -32.25 -10.03 19.08
CA ASP A 299 -31.36 -10.92 19.82
C ASP A 299 -32.09 -11.65 20.96
N VAL A 300 -31.81 -12.94 21.12
CA VAL A 300 -32.54 -13.78 22.06
C VAL A 300 -32.78 -13.13 23.43
N GLU A 301 -31.71 -12.79 24.15
CA GLU A 301 -31.83 -12.22 25.49
C GLU A 301 -31.82 -10.69 25.50
N SER A 302 -33.01 -10.10 25.68
CA SER A 302 -33.21 -8.66 25.54
C SER A 302 -33.42 -8.29 24.07
N ASN A 303 -34.51 -8.76 23.49
CA ASN A 303 -34.69 -8.68 22.02
C ASN A 303 -34.43 -7.30 21.40
N ARG A 304 -33.30 -7.21 20.71
CA ARG A 304 -32.81 -5.98 20.11
C ARG A 304 -32.63 -6.17 18.61
N ASP A 305 -33.02 -5.17 17.82
CA ASP A 305 -32.76 -5.24 16.38
C ASP A 305 -31.39 -4.63 16.06
N ALA A 306 -30.89 -4.89 14.85
CA ALA A 306 -29.54 -4.48 14.48
C ALA A 306 -29.26 -3.03 14.86
N LEU A 307 -30.23 -2.16 14.60
CA LEU A 307 -30.08 -0.74 14.86
C LEU A 307 -29.83 -0.42 16.33
N ASP A 308 -30.67 -0.93 17.22
CA ASP A 308 -30.44 -0.78 18.65
C ASP A 308 -29.05 -1.24 19.03
N ILE A 309 -28.68 -2.43 18.60
CA ILE A 309 -27.37 -2.99 18.92
C ILE A 309 -26.26 -2.03 18.54
N LEU A 310 -26.30 -1.55 17.30
CA LEU A 310 -25.24 -0.69 16.81
C LEU A 310 -25.15 0.64 17.56
N LEU A 311 -26.28 1.31 17.76
CA LEU A 311 -26.30 2.63 18.44
C LEU A 311 -25.56 2.65 19.78
N PHE A 312 -25.50 1.51 20.44
CA PHE A 312 -24.92 1.48 21.77
C PHE A 312 -23.57 0.79 21.76
N HIS A 313 -23.12 0.40 20.59
CA HIS A 313 -21.85 -0.28 20.48
C HIS A 313 -20.73 0.75 20.40
N GLN A 314 -19.58 0.40 20.97
CA GLN A 314 -18.41 1.28 20.99
C GLN A 314 -17.82 1.52 19.60
N TYR A 315 -17.88 0.49 18.75
CA TYR A 315 -17.42 0.64 17.38
C TYR A 315 -18.61 0.79 16.46
N GLY A 316 -19.73 0.18 16.85
CA GLY A 316 -20.93 0.19 16.04
C GLY A 316 -21.52 1.57 15.83
N ASN A 317 -21.41 2.43 16.84
CA ASN A 317 -21.99 3.77 16.77
C ASN A 317 -21.40 4.57 15.62
N TYR A 318 -20.17 4.25 15.24
CA TYR A 318 -19.51 4.98 14.15
C TYR A 318 -20.13 4.69 12.81
N VAL A 319 -20.54 3.43 12.62
CA VAL A 319 -21.21 3.04 11.40
C VAL A 319 -22.56 3.73 11.27
N VAL A 320 -23.24 3.89 12.39
CA VAL A 320 -24.55 4.53 12.36
C VAL A 320 -24.44 6.02 12.00
N GLN A 321 -23.51 6.73 12.65
CA GLN A 321 -23.23 8.13 12.32
C GLN A 321 -22.91 8.30 10.85
N GLN A 322 -22.29 7.29 10.28
CA GLN A 322 -22.05 7.23 8.85
C GLN A 322 -23.34 7.20 8.04
N MET A 323 -24.24 6.26 8.39
CA MET A 323 -25.54 6.14 7.73
C MET A 323 -26.32 7.44 7.81
N ILE A 324 -26.29 8.06 8.99
CA ILE A 324 -26.93 9.35 9.19
C ILE A 324 -26.27 10.44 8.34
N SER A 325 -24.95 10.40 8.26
CA SER A 325 -24.21 11.33 7.41
C SER A 325 -24.62 11.19 5.96
N ILE A 326 -24.50 9.98 5.45
CA ILE A 326 -24.90 9.66 4.09
C ILE A 326 -26.30 10.15 3.72
N CYS A 327 -27.30 9.81 4.53
CA CYS A 327 -28.67 10.23 4.24
C CYS A 327 -28.85 11.73 4.09
N THR A 328 -28.42 12.48 5.11
CA THR A 328 -28.66 13.91 5.14
C THR A 328 -27.90 14.65 4.03
N ALA A 329 -26.65 14.22 3.78
CA ALA A 329 -25.87 14.78 2.68
C ALA A 329 -26.64 14.65 1.36
N ALA A 330 -27.30 13.51 1.18
CA ALA A 330 -28.10 13.27 0.00
C ALA A 330 -29.38 14.09 0.03
N LEU A 331 -29.73 14.61 1.19
CA LEU A 331 -30.92 15.42 1.34
C LEU A 331 -30.58 16.92 1.32
N ILE A 332 -29.78 17.33 0.35
CA ILE A 332 -29.50 18.75 0.12
C ILE A 332 -29.34 19.06 -1.37
N GLU A 338 -29.38 16.93 -6.69
CA GLU A 338 -29.76 16.67 -8.08
C GLU A 338 -30.10 15.20 -8.31
N LEU A 339 -31.13 14.72 -7.61
CA LEU A 339 -31.50 13.31 -7.68
C LEU A 339 -33.03 13.07 -7.70
N PRO A 340 -33.45 11.99 -8.34
CA PRO A 340 -34.88 11.71 -8.55
C PRO A 340 -35.67 11.58 -7.25
N PRO A 341 -36.92 12.03 -7.25
CA PRO A 341 -37.80 12.05 -6.08
C PRO A 341 -38.19 10.65 -5.61
N ALA A 342 -37.81 9.63 -6.38
CA ALA A 342 -38.11 8.26 -6.01
C ALA A 342 -37.07 7.70 -5.04
N ILE A 343 -35.80 7.96 -5.33
CA ILE A 343 -34.72 7.54 -4.45
C ILE A 343 -34.54 8.56 -3.34
N LEU A 344 -34.93 9.80 -3.62
CA LEU A 344 -34.86 10.87 -2.63
C LEU A 344 -35.87 10.62 -1.52
N LEU A 345 -36.92 9.87 -1.82
CA LEU A 345 -37.93 9.55 -0.83
C LEU A 345 -37.50 8.33 -0.05
N LEU A 346 -36.55 7.60 -0.61
CA LEU A 346 -35.99 6.41 0.01
C LEU A 346 -35.00 6.81 1.11
N TYR A 347 -34.12 7.75 0.78
CA TYR A 347 -33.23 8.37 1.77
C TYR A 347 -34.06 8.97 2.88
N SER A 348 -35.10 9.70 2.50
CA SER A 348 -36.03 10.29 3.44
C SER A 348 -36.58 9.23 4.38
N GLY A 349 -36.88 8.07 3.84
CA GLY A 349 -37.37 6.96 4.64
C GLY A 349 -36.39 6.59 5.72
N TRP A 350 -35.11 6.56 5.37
CA TRP A 350 -34.05 6.11 6.28
C TRP A 350 -33.73 7.14 7.36
N TYR A 351 -33.59 8.38 6.95
CA TYR A 351 -33.33 9.41 7.93
C TYR A 351 -34.42 9.36 8.98
N GLU A 352 -35.67 9.21 8.54
CA GLU A 352 -36.81 9.21 9.46
C GLU A 352 -36.81 8.03 10.42
N LYS A 353 -36.62 6.83 9.88
CA LYS A 353 -36.50 5.65 10.72
C LYS A 353 -35.46 5.92 11.80
N MET A 354 -34.29 6.39 11.37
CA MET A 354 -33.18 6.66 12.27
C MET A 354 -33.48 7.81 13.22
N LYS A 355 -34.04 8.89 12.69
CA LYS A 355 -34.42 10.05 13.50
C LYS A 355 -35.36 9.66 14.66
N GLN A 356 -36.44 8.94 14.36
CA GLN A 356 -37.34 8.55 15.44
C GLN A 356 -36.63 7.68 16.48
N ARG A 357 -35.85 6.70 16.02
CA ARG A 357 -35.20 5.77 16.94
C ARG A 357 -34.26 6.48 17.92
N VAL A 358 -33.46 7.39 17.40
CA VAL A 358 -32.51 8.16 18.20
C VAL A 358 -33.29 8.97 19.24
N LEU A 359 -34.30 9.69 18.80
CA LEU A 359 -35.14 10.47 19.70
C LEU A 359 -35.83 9.60 20.74
N GLN A 360 -36.08 8.36 20.39
CA GLN A 360 -36.74 7.44 21.31
C GLN A 360 -35.79 7.05 22.44
N HIS A 361 -34.48 7.04 22.15
CA HIS A 361 -33.46 6.60 23.09
C HIS A 361 -32.61 7.73 23.64
N ALA A 362 -32.94 8.96 23.28
CA ALA A 362 -32.14 10.12 23.66
C ALA A 362 -31.73 10.14 25.13
N SER A 363 -32.69 9.85 26.01
CA SER A 363 -32.44 9.81 27.44
C SER A 363 -31.37 8.79 27.79
N ARG A 364 -31.22 7.77 26.97
CA ARG A 364 -30.21 6.75 27.21
C ARG A 364 -28.91 7.07 26.47
N LEU A 365 -29.04 7.64 25.28
CA LEU A 365 -27.90 7.96 24.45
C LEU A 365 -27.00 9.03 25.04
N GLU A 366 -27.62 10.08 25.58
CA GLU A 366 -26.87 11.25 26.08
C GLU A 366 -25.81 10.93 27.13
N ARG A 367 -25.87 9.72 27.68
CA ARG A 367 -24.89 9.27 28.67
C ARG A 367 -23.53 8.92 28.04
N PHE A 368 -23.41 9.08 26.72
CA PHE A 368 -22.23 8.67 25.98
C PHE A 368 -21.78 9.72 24.99
N SER A 369 -20.49 9.74 24.69
CA SER A 369 -19.94 10.69 23.72
C SER A 369 -20.56 10.41 22.38
N SER A 370 -20.73 9.13 22.09
CA SER A 370 -21.34 8.69 20.86
C SER A 370 -22.78 9.15 20.84
N GLY A 371 -23.50 8.85 21.92
CA GLY A 371 -24.87 9.29 22.10
C GLY A 371 -25.06 10.76 21.77
N LYS A 372 -24.29 11.63 22.41
CA LYS A 372 -24.44 13.07 22.20
C LYS A 372 -24.21 13.49 20.75
N LYS A 373 -23.20 12.93 20.10
CA LYS A 373 -22.94 13.28 18.71
C LYS A 373 -24.06 12.79 17.78
N ILE A 374 -24.51 11.56 18.01
CA ILE A 374 -25.62 11.01 17.24
C ILE A 374 -26.89 11.84 17.47
N ILE A 375 -27.09 12.29 18.70
CA ILE A 375 -28.26 13.10 19.03
C ILE A 375 -28.19 14.44 18.34
N ASP A 376 -27.04 15.10 18.46
CA ASP A 376 -26.85 16.41 17.86
C ASP A 376 -27.07 16.36 16.37
N SER A 377 -26.53 15.33 15.73
CA SER A 377 -26.60 15.24 14.28
C SER A 377 -28.05 15.11 13.79
N VAL A 378 -28.88 14.44 14.56
CA VAL A 378 -30.29 14.23 14.21
C VAL A 378 -31.17 15.47 14.44
N MET A 379 -30.80 16.29 15.42
CA MET A 379 -31.54 17.51 15.73
C MET A 379 -31.21 18.68 14.79
N ARG A 380 -29.95 18.75 14.36
CA ARG A 380 -29.51 19.77 13.41
C ARG A 380 -30.32 19.76 12.11
N HIS A 381 -30.45 18.59 11.50
CA HIS A 381 -31.19 18.43 10.25
C HIS A 381 -32.69 18.69 10.43
#